data_1OKF
#
_entry.id   1OKF
#
_cell.length_a   1.000
_cell.length_b   1.000
_cell.length_c   1.000
_cell.angle_alpha   90.00
_cell.angle_beta   90.00
_cell.angle_gamma   90.00
#
_symmetry.space_group_name_H-M   'P 1'
#
loop_
_entity.id
_entity.type
_entity.pdbx_description
1 polymer "5'-D(*CP*ATLP*GP*AP*ATLP*AP*ATLP*GP*CP)-3'"
2 polymer "5'-R(*GP*CP*AP*UP*AP*UP*CP*AP*GP)-3'"
#
loop_
_entity_poly.entity_id
_entity_poly.type
_entity_poly.pdbx_seq_one_letter_code
_entity_poly.pdbx_strand_id
1 'polydeoxyribonucleotide' (DC)(ATL)(DG)(DA)(ATL)(DA)(ATL)(DG)(DC) A
2 'polyribonucleotide' GCAUAUCAG B
#